data_4Q2J
#
_entry.id   4Q2J
#
_cell.length_a   128.978
_cell.length_b   91.971
_cell.length_c   100.239
_cell.angle_alpha   90.00
_cell.angle_beta   128.97
_cell.angle_gamma   90.00
#
_symmetry.space_group_name_H-M   'C 1 2 1'
#
loop_
_entity.id
_entity.type
_entity.pdbx_description
1 polymer 'DNA-binding protein SATB1'
2 water water
#
_entity_poly.entity_id   1
_entity_poly.type   'polypeptide(L)'
_entity_poly.pdbx_seq_one_letter_code
;GPGSGTMLPVFCVVEHYENAIEYDCKEEHAEFVLVRKDMLFNQLIEMALLSLGYSHSSAAQAKGLIQVGKWNPVPLSYVT
DAPDATVADMLQDVYHVVTLKIQLHSCPKLEDLPPEQWSHTTVRNALKDLLKDMNQSSLAKECPLSQSMISSIVNSTYYA
NVSAAKCQEFGRWYKHFKKT
;
_entity_poly.pdbx_strand_id   A,B,C,D
#
# COMPACT_ATOMS: atom_id res chain seq x y z
N GLY A 1 13.22 27.55 -4.43
CA GLY A 1 12.81 27.11 -5.75
C GLY A 1 13.88 26.72 -6.78
N PRO A 2 14.69 25.68 -6.47
CA PRO A 2 15.65 24.95 -7.32
C PRO A 2 15.07 24.17 -8.53
N GLY A 3 15.38 24.62 -9.76
CA GLY A 3 14.78 24.00 -10.93
C GLY A 3 15.69 23.47 -12.05
N SER A 4 16.85 22.91 -11.69
CA SER A 4 17.81 22.44 -12.69
C SER A 4 19.11 21.94 -12.07
N GLY A 5 20.18 21.97 -12.86
CA GLY A 5 21.34 21.17 -12.54
C GLY A 5 20.98 19.72 -12.75
N THR A 6 21.97 18.85 -12.65
CA THR A 6 21.78 17.44 -12.99
C THR A 6 21.52 16.56 -11.77
N MET A 7 21.80 17.10 -10.59
CA MET A 7 21.69 16.33 -9.36
C MET A 7 20.46 16.68 -8.53
N LEU A 8 20.19 15.81 -7.55
CA LEU A 8 19.12 16.00 -6.59
C LEU A 8 19.54 15.43 -5.25
N PRO A 9 19.23 16.12 -4.15
CA PRO A 9 19.58 15.57 -2.84
C PRO A 9 18.59 14.49 -2.41
N VAL A 10 19.07 13.53 -1.64
CA VAL A 10 18.19 12.51 -1.12
C VAL A 10 18.66 12.18 0.30
N PHE A 11 17.83 12.50 1.29
CA PHE A 11 18.14 12.12 2.65
C PHE A 11 17.96 10.61 2.84
N CYS A 12 19.02 9.94 3.29
CA CYS A 12 18.96 8.51 3.52
C CYS A 12 19.33 8.23 4.95
N VAL A 13 18.66 7.26 5.54
CA VAL A 13 19.08 6.69 6.82
C VAL A 13 19.46 5.25 6.51
N VAL A 14 20.39 4.70 7.27
CA VAL A 14 20.94 3.39 6.95
C VAL A 14 21.23 2.63 8.21
N GLU A 15 20.48 1.55 8.41
CA GLU A 15 20.68 0.64 9.53
C GLU A 15 21.49 -0.53 9.02
N HIS A 16 22.24 -1.18 9.90
CA HIS A 16 22.95 -2.41 9.52
C HIS A 16 23.50 -3.19 10.71
N LYS A 26 22.10 -1.95 16.01
CA LYS A 26 21.88 -1.23 14.76
C LYS A 26 22.64 0.09 14.76
N GLU A 27 23.28 0.39 13.64
CA GLU A 27 24.07 1.62 13.50
C GLU A 27 23.38 2.69 12.64
N GLU A 28 22.36 3.34 13.21
CA GLU A 28 21.56 4.31 12.47
C GLU A 28 22.39 5.50 11.98
N HIS A 29 22.61 5.57 10.66
CA HIS A 29 23.38 6.67 10.09
C HIS A 29 22.56 7.55 9.12
N ALA A 30 22.50 8.84 9.41
CA ALA A 30 21.71 9.79 8.63
C ALA A 30 22.59 10.67 7.74
N GLU A 31 22.14 10.91 6.50
CA GLU A 31 22.91 11.79 5.64
C GLU A 31 22.32 12.06 4.27
N PHE A 32 22.41 13.32 3.87
CA PHE A 32 21.92 13.73 2.58
C PHE A 32 22.97 13.25 1.61
N VAL A 33 22.56 13.05 0.38
CA VAL A 33 23.46 12.54 -0.62
C VAL A 33 22.95 13.12 -1.91
N LEU A 34 23.80 13.24 -2.91
CA LEU A 34 23.36 13.78 -4.18
C LEU A 34 23.30 12.64 -5.16
N VAL A 35 22.19 12.53 -5.87
CA VAL A 35 22.06 11.51 -6.90
C VAL A 35 21.67 12.12 -8.23
N ARG A 36 21.93 11.38 -9.29
CA ARG A 36 21.70 11.82 -10.65
C ARG A 36 20.22 11.92 -10.97
N LYS A 37 19.71 13.14 -10.96
CA LYS A 37 18.32 13.46 -11.27
C LYS A 37 17.64 12.58 -12.36
N ASP A 38 18.34 12.32 -13.47
CA ASP A 38 17.75 11.61 -14.63
C ASP A 38 17.92 10.09 -14.62
N MET A 39 18.61 9.58 -13.59
CA MET A 39 18.66 8.16 -13.33
C MET A 39 17.24 7.62 -13.06
N LEU A 40 17.09 6.29 -13.06
CA LEU A 40 15.81 5.65 -12.81
C LEU A 40 15.48 5.53 -11.33
N PHE A 41 14.27 5.94 -10.99
CA PHE A 41 13.77 5.87 -9.63
C PHE A 41 13.97 4.50 -8.99
N ASN A 42 13.87 3.43 -9.79
CA ASN A 42 13.88 2.08 -9.25
C ASN A 42 15.28 1.57 -8.84
N GLN A 43 16.31 2.27 -9.28
CA GLN A 43 17.68 1.97 -8.88
C GLN A 43 18.14 2.97 -7.84
N LEU A 44 17.17 3.53 -7.14
CA LEU A 44 17.48 4.55 -6.17
C LEU A 44 18.27 4.01 -5.00
N ILE A 45 17.87 2.84 -4.51
CA ILE A 45 18.54 2.28 -3.34
C ILE A 45 20.00 1.94 -3.63
N GLU A 46 20.30 1.49 -4.84
CA GLU A 46 21.71 1.23 -5.12
C GLU A 46 22.45 2.52 -5.41
N MET A 47 21.83 3.42 -6.13
CA MET A 47 22.46 4.71 -6.36
C MET A 47 22.76 5.47 -5.08
N ALA A 48 21.79 5.51 -4.16
CA ALA A 48 22.02 6.12 -2.86
C ALA A 48 23.17 5.47 -2.09
N LEU A 49 23.23 4.14 -2.11
CA LEU A 49 24.29 3.44 -1.40
C LEU A 49 25.67 3.69 -2.00
N LEU A 50 25.74 3.71 -3.32
CA LEU A 50 27.01 3.96 -3.99
C LEU A 50 27.45 5.39 -3.69
N SER A 51 26.54 6.32 -3.96
CA SER A 51 26.79 7.74 -3.73
C SER A 51 27.10 8.07 -2.26
N LEU A 52 26.83 7.15 -1.36
CA LEU A 52 27.09 7.33 0.07
C LEU A 52 28.46 6.79 0.49
N GLY A 53 29.15 6.09 -0.41
CA GLY A 53 30.43 5.47 -0.12
C GLY A 53 30.42 3.98 0.15
N TYR A 54 29.34 3.30 -0.25
CA TYR A 54 29.19 1.85 -0.02
C TYR A 54 29.60 1.03 -1.25
N SER A 55 30.09 -0.18 -1.02
CA SER A 55 30.40 -1.07 -2.15
C SER A 55 29.11 -1.66 -2.74
N HIS A 56 29.20 -2.17 -3.97
CA HIS A 56 28.06 -2.78 -4.64
C HIS A 56 27.60 -4.04 -3.95
N SER A 57 28.52 -4.69 -3.23
CA SER A 57 28.16 -5.88 -2.50
C SER A 57 26.98 -5.58 -1.58
N SER A 58 27.18 -4.63 -0.67
CA SER A 58 26.20 -4.30 0.39
C SER A 58 24.81 -3.94 -0.14
N ALA A 59 24.73 -3.58 -1.42
CA ALA A 59 23.46 -3.24 -2.07
C ALA A 59 22.65 -4.46 -2.57
N ALA A 60 23.05 -5.66 -2.17
CA ALA A 60 22.47 -6.89 -2.71
C ALA A 60 21.66 -7.61 -1.66
N GLN A 61 21.77 -7.12 -0.42
CA GLN A 61 20.98 -7.61 0.70
C GLN A 61 20.04 -6.50 1.14
N ALA A 62 20.17 -5.36 0.48
CA ALA A 62 19.54 -4.11 0.92
C ALA A 62 18.01 -4.03 0.75
N LYS A 63 17.33 -3.90 1.88
CA LYS A 63 15.91 -3.54 1.93
C LYS A 63 15.81 -2.00 2.02
N GLY A 64 15.02 -1.38 1.16
CA GLY A 64 14.88 0.06 1.16
C GLY A 64 13.43 0.49 1.20
N LEU A 65 13.07 1.26 2.23
CA LEU A 65 11.74 1.81 2.38
C LEU A 65 11.79 3.34 2.36
N ILE A 66 10.90 3.94 1.58
CA ILE A 66 10.82 5.40 1.49
C ILE A 66 9.74 5.91 2.44
N GLN A 67 10.04 6.99 3.16
CA GLN A 67 9.11 7.52 4.16
C GLN A 67 8.90 9.02 4.04
N VAL A 68 7.66 9.43 3.87
CA VAL A 68 7.34 10.84 3.85
C VAL A 68 6.97 11.26 5.28
N GLY A 69 7.56 12.36 5.73
CA GLY A 69 7.31 12.79 7.08
C GLY A 69 7.32 11.69 8.10
N LYS A 70 6.28 11.65 8.93
CA LYS A 70 6.13 10.61 9.95
C LYS A 70 5.21 9.41 9.52
N TRP A 71 4.89 9.32 8.22
CA TRP A 71 4.01 8.27 7.70
C TRP A 71 4.65 6.91 7.67
N ASN A 72 3.81 5.88 7.56
CA ASN A 72 4.24 4.52 7.29
C ASN A 72 5.24 4.48 6.13
N PRO A 73 6.41 3.85 6.33
CA PRO A 73 7.39 3.68 5.25
C PRO A 73 6.93 2.66 4.22
N VAL A 74 7.10 2.97 2.94
CA VAL A 74 6.67 2.09 1.87
C VAL A 74 7.74 1.71 0.84
N PRO A 75 7.57 0.54 0.20
CA PRO A 75 8.50 0.16 -0.87
C PRO A 75 8.42 1.14 -2.04
N LEU A 76 9.51 1.27 -2.78
CA LEU A 76 9.57 2.15 -3.94
C LEU A 76 8.55 1.80 -5.03
N SER A 77 7.99 0.59 -4.95
CA SER A 77 6.96 0.18 -5.92
C SER A 77 5.58 0.79 -5.62
N TYR A 78 5.34 1.19 -4.37
CA TYR A 78 4.10 1.91 -4.02
C TYR A 78 4.10 3.30 -4.61
N VAL A 79 5.18 4.04 -4.38
CA VAL A 79 5.32 5.39 -4.89
C VAL A 79 4.88 5.48 -6.34
N THR A 80 5.31 4.50 -7.13
CA THR A 80 5.12 4.60 -8.56
C THR A 80 5.05 3.26 -9.25
N ASP A 81 4.50 3.28 -10.46
CA ASP A 81 4.41 2.08 -11.27
C ASP A 81 5.19 2.27 -12.57
N ALA A 82 5.23 3.50 -13.06
CA ALA A 82 5.99 3.79 -14.28
C ALA A 82 7.40 3.27 -14.11
N PRO A 83 7.78 2.28 -14.91
CA PRO A 83 9.11 1.66 -14.79
C PRO A 83 10.21 2.56 -15.36
N ASP A 84 9.83 3.72 -15.86
CA ASP A 84 10.78 4.62 -16.48
C ASP A 84 10.83 5.98 -15.76
N ALA A 85 10.12 6.06 -14.64
CA ALA A 85 10.12 7.27 -13.80
C ALA A 85 11.53 7.55 -13.27
N THR A 86 11.99 8.79 -13.46
CA THR A 86 13.30 9.19 -12.99
C THR A 86 13.26 9.54 -11.51
N VAL A 87 14.43 9.60 -10.89
CA VAL A 87 14.56 10.17 -9.56
C VAL A 87 13.98 11.61 -9.51
N ALA A 88 14.00 12.31 -10.65
CA ALA A 88 13.50 13.68 -10.72
C ALA A 88 11.98 13.74 -10.69
N ASP A 89 11.34 12.83 -11.42
CA ASP A 89 9.89 12.80 -11.52
C ASP A 89 9.28 12.68 -10.13
N MET A 90 9.81 11.74 -9.37
CA MET A 90 9.19 11.33 -8.12
C MET A 90 9.58 12.18 -6.92
N LEU A 91 10.84 12.54 -6.81
CA LEU A 91 11.31 13.28 -5.64
C LEU A 91 11.71 14.73 -5.91
N GLN A 92 11.47 15.22 -7.12
CA GLN A 92 11.93 16.58 -7.40
C GLN A 92 11.36 17.59 -6.43
N ASP A 93 10.06 17.53 -6.22
CA ASP A 93 9.36 18.50 -5.37
C ASP A 93 9.24 18.06 -3.92
N VAL A 94 9.84 16.93 -3.54
CA VAL A 94 9.53 16.40 -2.21
C VAL A 94 10.73 15.86 -1.48
N TYR A 95 11.91 16.14 -2.00
CA TYR A 95 13.13 15.55 -1.45
C TYR A 95 13.36 15.94 0.01
N HIS A 96 12.79 17.06 0.43
CA HIS A 96 13.06 17.67 1.74
C HIS A 96 12.12 17.18 2.85
N VAL A 97 11.14 16.35 2.47
CA VAL A 97 10.24 15.73 3.44
C VAL A 97 10.32 14.21 3.47
N VAL A 98 11.07 13.61 2.54
CA VAL A 98 11.20 12.13 2.50
C VAL A 98 12.54 11.60 3.02
N THR A 99 12.51 10.38 3.52
CA THR A 99 13.71 9.71 4.00
C THR A 99 13.78 8.33 3.36
N LEU A 100 14.95 7.93 2.91
CA LEU A 100 15.14 6.63 2.35
C LEU A 100 15.74 5.77 3.47
N LYS A 101 14.93 4.88 4.03
CA LYS A 101 15.36 4.05 5.16
C LYS A 101 15.95 2.77 4.61
N ILE A 102 17.27 2.63 4.66
CA ILE A 102 17.91 1.47 4.07
C ILE A 102 18.38 0.48 5.13
N GLN A 103 17.92 -0.76 5.02
CA GLN A 103 18.38 -1.81 5.92
C GLN A 103 19.29 -2.77 5.18
N LEU A 104 20.46 -3.02 5.75
CA LEU A 104 21.42 -3.95 5.17
C LEU A 104 21.62 -5.14 6.09
N HIS A 105 21.84 -6.31 5.50
CA HIS A 105 22.50 -7.36 6.27
C HIS A 105 24.01 -7.33 5.97
N SER A 106 24.73 -6.71 6.90
CA SER A 106 26.15 -6.37 6.77
C SER A 106 26.79 -6.83 8.10
N CYS A 107 27.71 -6.12 8.77
CA CYS A 107 28.34 -4.84 8.42
C CYS A 107 29.18 -4.94 7.14
N PRO A 108 29.37 -3.79 6.46
CA PRO A 108 30.31 -3.78 5.33
C PRO A 108 31.75 -3.97 5.82
N LYS A 109 32.61 -4.53 4.98
CA LYS A 109 34.02 -4.58 5.34
C LYS A 109 34.45 -3.16 5.72
N LEU A 110 35.17 -3.04 6.83
CA LEU A 110 35.69 -1.75 7.30
C LEU A 110 36.04 -0.74 6.22
N GLU A 111 36.46 -1.21 5.06
CA GLU A 111 36.87 -0.31 3.99
C GLU A 111 35.67 0.20 3.19
N ASP A 112 34.55 -0.52 3.31
CA ASP A 112 33.35 -0.20 2.58
C ASP A 112 32.41 0.61 3.47
N LEU A 113 32.89 0.91 4.68
CA LEU A 113 32.11 1.70 5.62
C LEU A 113 32.38 3.16 5.25
N PRO A 114 31.33 3.89 4.82
CA PRO A 114 31.52 5.31 4.50
C PRO A 114 32.31 6.05 5.60
N PRO A 115 33.44 6.67 5.23
CA PRO A 115 34.40 7.25 6.18
C PRO A 115 33.80 8.25 7.17
N GLU A 116 32.61 8.75 6.89
CA GLU A 116 31.98 9.71 7.78
C GLU A 116 31.41 8.97 8.97
N GLN A 117 31.36 7.65 8.85
CA GLN A 117 30.64 6.83 9.80
C GLN A 117 31.60 6.09 10.74
N TRP A 118 32.90 6.28 10.51
CA TRP A 118 33.92 5.73 11.38
C TRP A 118 33.88 6.35 12.79
N SER A 119 33.89 5.50 13.81
CA SER A 119 34.08 5.96 15.17
C SER A 119 35.43 5.49 15.71
N HIS A 120 35.70 5.76 16.99
CA HIS A 120 36.96 5.37 17.60
C HIS A 120 37.07 3.84 17.69
N THR A 121 35.95 3.15 17.65
CA THR A 121 36.00 1.71 17.77
C THR A 121 36.21 1.05 16.40
N THR A 122 35.85 1.74 15.33
CA THR A 122 36.07 1.17 14.02
C THR A 122 37.51 1.46 13.59
N VAL A 123 38.05 2.58 14.08
CA VAL A 123 39.48 2.85 13.99
C VAL A 123 40.30 1.82 14.78
N ARG A 124 39.89 1.48 16.00
CA ARG A 124 40.52 0.43 16.78
C ARG A 124 40.59 -0.94 16.07
N ASN A 125 39.46 -1.39 15.53
CA ASN A 125 39.43 -2.63 14.75
C ASN A 125 40.32 -2.58 13.51
N ALA A 126 40.56 -1.40 12.97
CA ALA A 126 41.42 -1.26 11.81
C ALA A 126 42.85 -1.45 12.24
N LEU A 127 43.24 -0.70 13.28
CA LEU A 127 44.57 -0.83 13.86
C LEU A 127 44.89 -2.31 14.15
N LYS A 128 44.01 -3.00 14.87
CA LYS A 128 44.22 -4.42 15.17
C LYS A 128 44.51 -5.24 13.91
N ASP A 129 43.59 -5.16 12.95
CA ASP A 129 43.72 -5.85 11.67
C ASP A 129 45.01 -5.49 10.92
N LEU A 130 45.56 -4.31 11.20
CA LEU A 130 46.83 -3.91 10.60
C LEU A 130 48.02 -4.46 11.36
N LEU A 131 48.02 -4.24 12.68
CA LEU A 131 49.06 -4.78 13.52
C LEU A 131 49.22 -6.31 13.46
N LYS A 132 48.31 -7.00 12.75
CA LYS A 132 48.38 -8.46 12.57
C LYS A 132 49.55 -8.84 11.64
N ASP A 133 50.08 -7.82 10.96
CA ASP A 133 51.14 -8.01 9.97
C ASP A 133 51.91 -6.71 9.74
N MET A 134 51.82 -5.78 10.69
CA MET A 134 52.57 -4.55 10.62
C MET A 134 53.21 -4.19 11.96
N ASN A 135 54.04 -3.17 11.88
CA ASN A 135 54.71 -2.57 13.02
C ASN A 135 53.96 -1.37 13.51
N GLN A 136 54.06 -1.09 14.80
CA GLN A 136 53.53 0.13 15.37
C GLN A 136 54.11 1.33 14.63
N SER A 137 55.39 1.22 14.27
CA SER A 137 56.13 2.34 13.70
C SER A 137 55.90 2.52 12.21
N SER A 138 55.74 1.42 11.49
CA SER A 138 55.45 1.50 10.06
C SER A 138 54.01 1.91 9.85
N LEU A 139 53.12 1.47 10.74
CA LEU A 139 51.75 1.96 10.76
C LEU A 139 51.77 3.46 11.06
N ALA A 140 52.33 3.83 12.21
CA ALA A 140 52.44 5.24 12.59
C ALA A 140 53.09 6.08 11.49
N LYS A 141 53.94 5.46 10.69
CA LYS A 141 54.56 6.14 9.55
C LYS A 141 53.53 6.42 8.47
N GLU A 142 52.81 5.37 8.09
CA GLU A 142 51.79 5.39 7.04
C GLU A 142 50.51 6.17 7.39
N CYS A 143 49.79 5.67 8.38
CA CYS A 143 48.48 6.21 8.74
C CYS A 143 48.59 7.60 9.37
N PRO A 144 47.46 8.33 9.44
CA PRO A 144 47.44 9.71 9.96
C PRO A 144 47.43 9.85 11.48
N LEU A 145 47.68 8.78 12.22
CA LEU A 145 47.88 8.89 13.66
C LEU A 145 49.37 8.98 14.02
N SER A 146 49.64 9.35 15.26
CA SER A 146 50.97 9.28 15.84
C SER A 146 51.15 7.89 16.42
N GLN A 147 52.38 7.58 16.82
CA GLN A 147 52.66 6.34 17.53
C GLN A 147 52.07 6.44 18.95
N SER A 148 52.18 7.62 19.55
CA SER A 148 51.64 7.83 20.90
C SER A 148 50.14 7.49 20.97
N MET A 149 49.39 7.96 19.99
CA MET A 149 47.95 7.71 19.95
C MET A 149 47.62 6.25 19.59
N ILE A 150 48.42 5.65 18.72
CA ILE A 150 48.24 4.24 18.39
C ILE A 150 48.52 3.35 19.59
N SER A 151 49.39 3.83 20.49
CA SER A 151 49.56 3.21 21.80
C SER A 151 48.25 3.35 22.58
N SER A 152 47.80 4.60 22.68
CA SER A 152 46.59 4.97 23.43
C SER A 152 45.35 4.15 23.06
N ILE A 153 45.08 4.06 21.75
CA ILE A 153 43.90 3.39 21.24
C ILE A 153 43.98 1.88 21.45
N VAL A 154 45.19 1.35 21.28
CA VAL A 154 45.41 -0.09 21.29
C VAL A 154 45.43 -0.68 22.70
N ASN A 155 46.19 -0.04 23.58
CA ASN A 155 46.36 -0.53 24.94
C ASN A 155 45.30 -0.06 25.94
N SER A 156 44.22 0.53 25.45
CA SER A 156 43.10 0.91 26.31
C SER A 156 41.76 0.83 25.57
N THR A 157 40.91 -0.10 26.01
CA THR A 157 39.58 -0.25 25.42
C THR A 157 38.70 0.99 25.65
N TYR A 158 38.93 1.68 26.78
CA TYR A 158 38.11 2.83 27.15
C TYR A 158 38.62 4.13 26.55
N TYR A 159 39.66 4.03 25.72
CA TYR A 159 40.21 5.22 25.09
C TYR A 159 39.40 5.59 23.85
N ALA A 160 38.77 6.75 23.90
CA ALA A 160 37.83 7.18 22.87
C ALA A 160 38.18 8.55 22.34
N ASN A 161 39.26 9.14 22.86
CA ASN A 161 39.59 10.53 22.58
C ASN A 161 40.12 10.80 21.18
N VAL A 162 39.57 10.10 20.19
CA VAL A 162 39.91 10.37 18.80
C VAL A 162 38.89 11.33 18.21
N SER A 163 39.37 12.47 17.74
CA SER A 163 38.52 13.46 17.12
C SER A 163 37.78 12.87 15.93
N ALA A 164 36.65 13.50 15.59
CA ALA A 164 35.86 13.16 14.41
C ALA A 164 36.67 13.36 13.14
N ALA A 165 37.36 14.49 13.07
CA ALA A 165 38.15 14.78 11.88
C ALA A 165 39.20 13.68 11.62
N LYS A 166 39.83 13.18 12.68
CA LYS A 166 40.82 12.11 12.57
C LYS A 166 40.20 10.77 12.12
N CYS A 167 39.11 10.35 12.77
CA CYS A 167 38.37 9.16 12.34
C CYS A 167 38.11 9.17 10.83
N GLN A 168 37.54 10.25 10.30
CA GLN A 168 37.31 10.32 8.86
C GLN A 168 38.60 10.23 8.06
N GLU A 169 39.62 11.00 8.47
CA GLU A 169 40.91 11.01 7.80
C GLU A 169 41.50 9.60 7.72
N PHE A 170 41.70 8.99 8.88
CA PHE A 170 42.15 7.61 8.95
C PHE A 170 41.31 6.66 8.11
N GLY A 171 39.99 6.84 8.12
CA GLY A 171 39.10 6.00 7.37
C GLY A 171 39.31 6.13 5.88
N ARG A 172 39.54 7.35 5.40
CA ARG A 172 39.86 7.56 3.99
C ARG A 172 41.21 6.92 3.66
N TRP A 173 42.18 7.13 4.54
CA TRP A 173 43.50 6.56 4.36
C TRP A 173 43.42 5.04 4.24
N TYR A 174 42.68 4.42 5.15
CA TYR A 174 42.52 2.97 5.19
C TYR A 174 41.87 2.45 3.92
N LYS A 175 40.83 3.14 3.47
CA LYS A 175 40.15 2.76 2.24
C LYS A 175 41.14 2.67 1.09
N HIS A 176 42.04 3.64 1.02
CA HIS A 176 42.98 3.74 -0.09
C HIS A 176 43.77 2.44 -0.30
N PHE A 177 44.82 2.21 0.49
CA PHE A 177 45.36 0.86 0.53
C PHE A 177 45.46 0.40 1.99
N LYS A 178 44.73 -0.66 2.32
CA LYS A 178 43.93 -1.49 1.38
C LYS A 178 43.21 -0.78 0.22
N PRO B 2 5.65 28.58 9.55
CA PRO B 2 6.10 27.79 10.72
C PRO B 2 4.95 27.45 11.69
N GLY B 3 4.16 26.39 11.41
CA GLY B 3 2.74 26.35 11.88
C GLY B 3 2.31 25.75 13.25
N SER B 4 2.67 26.45 14.32
CA SER B 4 2.28 26.07 15.68
C SER B 4 0.89 26.58 16.04
N GLY B 5 0.07 26.84 15.03
CA GLY B 5 -1.32 27.17 15.28
C GLY B 5 -2.10 26.01 15.91
N THR B 6 -3.40 26.20 16.06
CA THR B 6 -4.34 25.12 16.30
C THR B 6 -4.71 24.46 14.96
N MET B 7 -4.30 25.08 13.84
CA MET B 7 -4.75 24.61 12.53
C MET B 7 -3.62 24.39 11.52
N LEU B 8 -3.96 23.69 10.43
CA LEU B 8 -3.03 23.34 9.39
C LEU B 8 -3.81 23.42 8.08
N PRO B 9 -3.23 24.05 7.05
CA PRO B 9 -3.98 24.15 5.80
C PRO B 9 -3.76 22.92 4.92
N VAL B 10 -4.80 22.45 4.23
CA VAL B 10 -4.66 21.33 3.31
C VAL B 10 -5.25 21.68 1.97
N PHE B 11 -4.50 21.45 0.89
CA PHE B 11 -5.06 21.73 -0.41
C PHE B 11 -5.96 20.59 -0.87
N CYS B 12 -7.17 20.95 -1.30
CA CYS B 12 -8.19 19.97 -1.65
C CYS B 12 -8.68 20.09 -3.08
N VAL B 13 -8.72 18.96 -3.77
CA VAL B 13 -9.41 18.88 -5.05
C VAL B 13 -10.62 17.97 -4.89
N VAL B 14 -11.79 18.47 -5.27
CA VAL B 14 -13.01 17.67 -5.26
C VAL B 14 -13.42 17.35 -6.70
N GLU B 15 -13.55 16.05 -6.99
CA GLU B 15 -14.01 15.58 -8.29
C GLU B 15 -15.45 15.05 -8.18
N HIS B 16 -15.99 14.51 -9.28
CA HIS B 16 -17.35 14.00 -9.32
C HIS B 16 -17.49 12.77 -10.21
N GLU B 27 -16.74 18.46 -12.93
CA GLU B 27 -16.33 19.84 -12.65
C GLU B 27 -15.63 19.93 -11.29
N GLU B 28 -14.35 20.31 -11.31
CA GLU B 28 -13.48 20.16 -10.15
C GLU B 28 -13.25 21.43 -9.31
N HIS B 29 -13.49 21.30 -8.00
CA HIS B 29 -13.43 22.39 -7.02
C HIS B 29 -12.17 22.24 -6.19
N ALA B 30 -11.25 23.21 -6.28
CA ALA B 30 -10.03 23.15 -5.49
C ALA B 30 -9.94 24.36 -4.55
N GLU B 31 -9.37 24.13 -3.37
CA GLU B 31 -9.15 25.20 -2.41
C GLU B 31 -8.36 24.68 -1.22
N PHE B 32 -7.71 25.58 -0.50
CA PHE B 32 -7.12 25.23 0.78
C PHE B 32 -8.24 25.24 1.79
N VAL B 33 -8.03 24.53 2.89
CA VAL B 33 -8.99 24.50 3.98
C VAL B 33 -8.18 24.37 5.25
N LEU B 34 -8.52 25.13 6.27
CA LEU B 34 -7.78 24.98 7.51
C LEU B 34 -8.39 23.81 8.27
N VAL B 35 -7.55 22.89 8.70
CA VAL B 35 -8.03 21.76 9.46
C VAL B 35 -7.48 21.82 10.88
N ARG B 36 -8.34 21.52 11.86
CA ARG B 36 -7.90 21.43 13.24
C ARG B 36 -6.87 20.34 13.47
N LYS B 37 -5.76 20.70 14.12
CA LYS B 37 -4.68 19.77 14.40
C LYS B 37 -5.06 18.73 15.45
N ASP B 38 -6.06 19.01 16.28
CA ASP B 38 -6.40 18.05 17.33
C ASP B 38 -7.41 17.02 16.86
N MET B 39 -8.02 17.29 15.71
CA MET B 39 -9.00 16.40 15.11
C MET B 39 -8.35 15.09 14.64
N LEU B 40 -9.15 14.07 14.36
CA LEU B 40 -8.64 12.73 14.01
C LEU B 40 -8.29 12.59 12.54
N PHE B 41 -7.07 12.14 12.24
CA PHE B 41 -6.61 11.96 10.86
C PHE B 41 -7.60 11.28 9.90
N ASN B 42 -8.19 10.16 10.31
CA ASN B 42 -9.19 9.50 9.47
C ASN B 42 -10.48 10.32 9.22
N GLN B 43 -10.69 11.37 10.00
CA GLN B 43 -11.84 12.26 9.78
C GLN B 43 -11.54 13.32 8.75
N LEU B 44 -10.35 13.25 8.14
CA LEU B 44 -9.89 14.28 7.21
C LEU B 44 -10.88 14.57 6.09
N ILE B 45 -11.40 13.53 5.44
CA ILE B 45 -12.36 13.80 4.35
C ILE B 45 -13.64 14.47 4.84
N GLU B 46 -14.22 13.98 5.94
CA GLU B 46 -15.45 14.60 6.47
C GLU B 46 -15.22 16.10 6.61
N MET B 47 -14.27 16.45 7.47
CA MET B 47 -13.92 17.84 7.72
C MET B 47 -13.56 18.66 6.49
N ALA B 48 -12.76 18.10 5.61
CA ALA B 48 -12.47 18.82 4.38
C ALA B 48 -13.78 19.19 3.69
N LEU B 49 -14.66 18.22 3.55
CA LEU B 49 -15.94 18.46 2.89
C LEU B 49 -16.83 19.48 3.59
N LEU B 50 -17.12 19.27 4.88
CA LEU B 50 -17.94 20.22 5.62
C LEU B 50 -17.32 21.58 5.42
N SER B 51 -16.13 21.72 5.99
CA SER B 51 -15.38 22.95 5.94
C SER B 51 -15.28 23.54 4.53
N LEU B 52 -15.50 22.72 3.50
CA LEU B 52 -15.40 23.19 2.11
C LEU B 52 -16.74 23.69 1.55
N GLY B 53 -17.81 23.44 2.28
CA GLY B 53 -19.15 23.82 1.86
C GLY B 53 -19.93 22.69 1.19
N TYR B 54 -20.05 21.57 1.90
CA TYR B 54 -20.82 20.41 1.46
C TYR B 54 -21.52 19.85 2.68
N SER B 55 -22.42 18.89 2.45
CA SER B 55 -23.26 18.32 3.51
C SER B 55 -22.58 17.17 4.25
N HIS B 56 -23.27 16.64 5.27
CA HIS B 56 -22.82 15.46 6.00
C HIS B 56 -23.09 14.21 5.16
N SER B 57 -24.20 14.26 4.44
CA SER B 57 -24.59 13.18 3.54
C SER B 57 -23.57 13.04 2.43
N SER B 58 -22.99 14.18 2.02
CA SER B 58 -21.96 14.19 0.98
C SER B 58 -20.73 13.36 1.38
N ALA B 59 -20.37 13.40 2.66
CA ALA B 59 -19.23 12.65 3.15
C ALA B 59 -19.44 11.16 2.92
N ALA B 60 -20.56 10.65 3.40
CA ALA B 60 -20.90 9.24 3.29
C ALA B 60 -20.91 8.71 1.86
N GLN B 61 -20.98 9.61 0.88
CA GLN B 61 -20.95 9.21 -0.53
C GLN B 61 -19.65 9.63 -1.23
N ALA B 62 -18.52 9.48 -0.53
CA ALA B 62 -17.24 10.03 -0.99
C ALA B 62 -16.03 9.12 -0.77
N LYS B 63 -15.30 8.88 -1.85
CA LYS B 63 -14.02 8.17 -1.80
C LYS B 63 -12.87 9.21 -1.72
N GLY B 64 -11.91 8.96 -0.82
CA GLY B 64 -10.87 9.93 -0.54
C GLY B 64 -9.45 9.40 -0.48
N LEU B 65 -8.62 9.96 -1.36
CA LEU B 65 -7.21 9.63 -1.46
C LEU B 65 -6.28 10.85 -1.21
N ILE B 66 -5.09 10.58 -0.66
CA ILE B 66 -4.13 11.62 -0.28
C ILE B 66 -2.88 11.49 -1.16
N GLN B 67 -2.36 12.61 -1.65
CA GLN B 67 -1.26 12.54 -2.63
C GLN B 67 -0.04 13.39 -2.25
N VAL B 68 1.10 12.72 -2.08
CA VAL B 68 2.31 13.36 -1.65
C VAL B 68 3.14 13.73 -2.87
N GLY B 69 3.09 14.99 -3.27
CA GLY B 69 3.80 15.40 -4.46
C GLY B 69 3.14 14.82 -5.68
N LYS B 70 3.94 14.19 -6.54
CA LYS B 70 3.43 13.55 -7.75
C LYS B 70 3.36 12.02 -7.61
N TRP B 71 3.29 11.54 -6.38
CA TRP B 71 3.21 10.11 -6.07
C TRP B 71 1.82 9.55 -6.30
N ASN B 72 1.72 8.22 -6.44
CA ASN B 72 0.41 7.55 -6.45
C ASN B 72 -0.39 7.93 -5.21
N PRO B 73 -1.55 8.59 -5.40
CA PRO B 73 -2.50 8.85 -4.31
C PRO B 73 -2.87 7.57 -3.58
N VAL B 74 -3.07 7.68 -2.26
CA VAL B 74 -3.38 6.50 -1.45
C VAL B 74 -4.45 6.71 -0.38
N PRO B 75 -5.15 5.64 -0.02
CA PRO B 75 -6.11 5.86 1.06
C PRO B 75 -5.43 6.32 2.36
N LEU B 76 -6.13 7.14 3.11
CA LEU B 76 -5.74 7.56 4.47
C LEU B 76 -5.41 6.42 5.43
N SER B 77 -5.44 5.17 4.99
CA SER B 77 -5.13 4.05 5.90
C SER B 77 -3.76 3.47 5.57
N TYR B 78 -3.30 3.73 4.36
CA TYR B 78 -1.93 3.42 4.00
C TYR B 78 -1.01 4.32 4.83
N VAL B 79 -1.47 5.54 5.11
CA VAL B 79 -0.69 6.50 5.85
C VAL B 79 -0.36 6.03 7.28
N THR B 80 -1.36 5.61 8.04
CA THR B 80 -1.03 5.11 9.36
C THR B 80 -2.09 4.14 9.84
N ASP B 81 -1.68 3.21 10.69
CA ASP B 81 -2.56 2.18 11.24
C ASP B 81 -2.94 2.47 12.70
N ALA B 82 -2.84 3.74 13.10
CA ALA B 82 -3.24 4.18 14.45
C ALA B 82 -4.50 5.05 14.37
N PRO B 83 -5.66 4.49 14.77
CA PRO B 83 -6.92 5.24 14.65
C PRO B 83 -6.94 6.53 15.47
N ASP B 84 -6.26 6.54 16.60
CA ASP B 84 -6.16 7.74 17.43
C ASP B 84 -5.18 8.80 16.85
N ALA B 85 -4.83 8.70 15.57
CA ALA B 85 -3.86 9.58 14.94
C ALA B 85 -4.40 10.99 14.64
N THR B 86 -3.80 12.02 15.26
CA THR B 86 -4.29 13.39 15.02
C THR B 86 -3.79 13.91 13.68
N VAL B 87 -4.44 14.93 13.18
CA VAL B 87 -3.99 15.59 11.95
C VAL B 87 -2.58 16.21 12.07
N ALA B 88 -2.25 16.71 13.25
CA ALA B 88 -0.90 17.20 13.54
C ALA B 88 0.12 16.07 13.39
N ASP B 89 -0.23 14.88 13.89
CA ASP B 89 0.68 13.74 13.92
C ASP B 89 1.18 13.40 12.52
N MET B 90 0.27 13.45 11.55
CA MET B 90 0.57 12.98 10.20
C MET B 90 0.89 14.10 9.22
N LEU B 91 0.33 15.28 9.43
CA LEU B 91 0.46 16.34 8.44
C LEU B 91 1.34 17.52 8.87
N GLN B 92 1.76 17.57 10.14
CA GLN B 92 2.56 18.71 10.60
C GLN B 92 3.79 18.98 9.72
N ASP B 93 4.40 17.91 9.22
CA ASP B 93 5.65 18.01 8.48
C ASP B 93 5.49 18.10 6.96
N VAL B 94 4.29 17.78 6.47
CA VAL B 94 4.14 17.62 5.03
C VAL B 94 2.92 18.30 4.42
N TYR B 95 2.19 19.04 5.24
CA TYR B 95 0.95 19.60 4.77
C TYR B 95 1.09 20.32 3.43
N HIS B 96 2.29 20.85 3.15
CA HIS B 96 2.48 21.80 2.04
C HIS B 96 2.82 21.08 0.75
N VAL B 97 3.14 19.79 0.86
CA VAL B 97 3.42 18.96 -0.31
C VAL B 97 2.32 17.94 -0.58
N VAL B 98 1.25 17.97 0.20
CA VAL B 98 0.16 16.99 -0.01
C VAL B 98 -1.15 17.58 -0.50
N THR B 99 -1.69 16.96 -1.56
CA THR B 99 -3.01 17.23 -2.12
C THR B 99 -3.99 16.13 -1.70
N LEU B 100 -5.09 16.53 -1.06
CA LEU B 100 -6.15 15.58 -0.77
C LEU B 100 -7.19 15.63 -1.90
N LYS B 101 -7.24 14.59 -2.73
CA LYS B 101 -8.28 14.54 -3.78
C LYS B 101 -9.52 13.72 -3.40
N ILE B 102 -10.69 14.31 -3.51
CA ILE B 102 -11.91 13.68 -3.03
C ILE B 102 -12.91 13.44 -4.16
N GLN B 103 -13.61 12.30 -4.12
CA GLN B 103 -14.60 12.00 -5.15
C GLN B 103 -16.03 11.90 -4.61
N LEU B 104 -16.96 12.53 -5.32
CA LEU B 104 -18.36 12.46 -4.94
C LEU B 104 -19.23 11.70 -5.96
N HIS B 105 -19.75 10.54 -5.53
CA HIS B 105 -20.68 9.74 -6.33
C HIS B 105 -22.11 10.24 -6.20
N GLY C 3 -13.54 -14.40 -7.82
CA GLY C 3 -12.22 -14.26 -7.19
C GLY C 3 -11.08 -14.21 -8.23
N SER C 4 -11.40 -13.72 -9.43
CA SER C 4 -10.40 -13.59 -10.51
C SER C 4 -10.23 -12.12 -10.93
N GLY C 5 -9.33 -11.42 -10.25
CA GLY C 5 -8.95 -10.07 -10.61
C GLY C 5 -7.60 -10.10 -11.31
N THR C 6 -6.82 -9.04 -11.15
CA THR C 6 -5.49 -9.00 -11.76
C THR C 6 -4.39 -9.55 -10.84
N MET C 7 -4.69 -9.68 -9.55
CA MET C 7 -3.70 -10.14 -8.56
C MET C 7 -4.00 -11.50 -7.89
N LEU C 8 -2.95 -12.16 -7.43
CA LEU C 8 -3.04 -13.34 -6.60
C LEU C 8 -2.33 -13.11 -5.28
N PRO C 9 -2.97 -13.49 -4.16
CA PRO C 9 -2.32 -13.49 -2.84
C PRO C 9 -1.29 -14.61 -2.75
N VAL C 10 -0.05 -14.30 -2.42
CA VAL C 10 0.95 -15.33 -2.21
C VAL C 10 1.52 -15.19 -0.82
N PHE C 11 1.57 -16.28 -0.06
CA PHE C 11 2.15 -16.20 1.27
C PHE C 11 3.67 -16.43 1.23
N CYS C 12 4.43 -15.37 1.52
CA CYS C 12 5.90 -15.39 1.45
C CYS C 12 6.60 -15.30 2.79
N VAL C 13 7.57 -16.18 2.96
CA VAL C 13 8.46 -16.19 4.10
C VAL C 13 9.85 -15.88 3.56
N VAL C 14 10.46 -14.81 4.07
CA VAL C 14 11.81 -14.45 3.66
C VAL C 14 12.77 -14.78 4.81
N GLU C 15 13.82 -15.54 4.51
CA GLU C 15 14.78 -15.96 5.54
C GLU C 15 16.21 -15.47 5.27
N HIS C 16 16.69 -14.61 6.17
CA HIS C 16 18.06 -14.04 6.20
C HIS C 16 18.08 -12.50 6.07
N GLU C 28 12.36 -11.92 10.53
CA GLU C 28 12.05 -12.87 9.46
C GLU C 28 11.39 -12.19 8.25
N HIS C 29 10.08 -11.90 8.37
CA HIS C 29 9.24 -11.37 7.28
C HIS C 29 8.39 -12.48 6.62
N ALA C 30 7.30 -12.90 7.27
CA ALA C 30 6.44 -13.99 6.76
C ALA C 30 4.96 -13.60 6.59
N GLU C 31 4.54 -13.32 5.36
CA GLU C 31 3.24 -12.69 5.14
C GLU C 31 2.73 -12.78 3.69
N PHE C 32 1.46 -12.47 3.51
CA PHE C 32 0.87 -12.48 2.18
C PHE C 32 1.33 -11.30 1.36
N VAL C 33 1.70 -11.55 0.11
CA VAL C 33 1.85 -10.48 -0.86
C VAL C 33 1.12 -10.73 -2.17
N LEU C 34 0.25 -9.79 -2.52
CA LEU C 34 -0.39 -9.72 -3.83
C LEU C 34 0.64 -9.58 -4.95
N VAL C 35 0.41 -10.30 -6.05
CA VAL C 35 1.25 -10.11 -7.23
C VAL C 35 0.44 -10.22 -8.52
N ARG C 36 0.90 -9.54 -9.57
CA ARG C 36 0.26 -9.59 -10.88
C ARG C 36 0.14 -11.01 -11.39
N LYS C 37 -1.09 -11.52 -11.53
CA LYS C 37 -1.36 -12.86 -12.07
C LYS C 37 -0.62 -13.09 -13.38
N ASP C 38 -0.61 -12.06 -14.22
CA ASP C 38 -0.13 -12.13 -15.61
C ASP C 38 1.39 -12.06 -15.73
N MET C 39 2.05 -11.68 -14.64
CA MET C 39 3.51 -11.72 -14.54
C MET C 39 4.03 -13.11 -14.92
N LEU C 40 5.35 -13.24 -15.07
CA LEU C 40 5.97 -14.52 -15.40
C LEU C 40 6.36 -15.27 -14.15
N PHE C 41 5.98 -16.55 -14.09
CA PHE C 41 6.27 -17.36 -12.93
C PHE C 41 7.73 -17.26 -12.52
N ASN C 42 8.62 -17.10 -13.50
CA ASN C 42 10.05 -16.98 -13.18
C ASN C 42 10.47 -15.61 -12.68
N GLN C 43 9.51 -14.71 -12.49
CA GLN C 43 9.78 -13.43 -11.82
C GLN C 43 9.03 -13.34 -10.50
N LEU C 44 8.62 -14.48 -9.98
CA LEU C 44 7.83 -14.49 -8.76
C LEU C 44 8.64 -14.04 -7.55
N ILE C 45 9.88 -14.51 -7.44
CA ILE C 45 10.78 -14.04 -6.39
C ILE C 45 11.01 -12.53 -6.51
N GLU C 46 11.65 -12.16 -7.62
CA GLU C 46 11.95 -10.77 -7.89
C GLU C 46 10.78 -9.89 -7.50
N MET C 47 9.61 -10.19 -8.04
CA MET C 47 8.49 -9.29 -7.87
C MET C 47 7.90 -9.31 -6.45
N ALA C 48 7.98 -10.47 -5.80
CA ALA C 48 7.57 -10.57 -4.40
C ALA C 48 8.57 -9.79 -3.54
N LEU C 49 9.85 -9.95 -3.84
CA LEU C 49 10.91 -9.21 -3.14
C LEU C 49 10.75 -7.68 -3.24
N LEU C 50 10.50 -7.19 -4.45
CA LEU C 50 10.25 -5.77 -4.66
C LEU C 50 9.16 -5.22 -3.74
N SER C 51 8.01 -5.90 -3.72
CA SER C 51 6.86 -5.55 -2.89
C SER C 51 7.17 -5.53 -1.41
N LEU C 52 8.34 -6.02 -1.02
CA LEU C 52 8.69 -6.03 0.39
C LEU C 52 9.78 -5.01 0.75
N GLY C 53 10.44 -4.47 -0.26
CA GLY C 53 11.51 -3.52 -0.03
C GLY C 53 12.80 -3.80 -0.78
N TYR C 54 13.20 -5.07 -0.84
CA TYR C 54 14.47 -5.46 -1.43
C TYR C 54 14.71 -4.77 -2.78
N SER C 55 15.97 -4.60 -3.13
CA SER C 55 16.33 -3.86 -4.33
C SER C 55 16.19 -4.75 -5.55
N HIS C 56 16.35 -4.17 -6.73
CA HIS C 56 16.38 -4.97 -7.94
C HIS C 56 17.58 -5.92 -7.94
N SER C 57 18.52 -5.62 -7.06
CA SER C 57 19.77 -6.38 -6.94
C SER C 57 19.63 -7.62 -6.09
N SER C 58 18.88 -7.52 -5.00
CA SER C 58 18.72 -8.66 -4.10
C SER C 58 17.93 -9.79 -4.78
N ALA C 59 17.13 -9.41 -5.78
CA ALA C 59 16.41 -10.35 -6.62
C ALA C 59 16.98 -10.32 -8.05
N ALA C 60 17.91 -11.22 -8.32
CA ALA C 60 18.18 -12.27 -7.35
C ALA C 60 19.63 -12.68 -7.22
N GLN C 61 20.07 -12.67 -5.98
CA GLN C 61 21.15 -13.50 -5.47
C GLN C 61 20.32 -14.44 -4.59
N ALA C 62 19.03 -14.51 -4.96
CA ALA C 62 17.97 -15.02 -4.09
C ALA C 62 17.43 -16.42 -4.45
N LYS C 63 17.43 -17.30 -3.46
CA LYS C 63 17.07 -18.71 -3.62
C LYS C 63 15.60 -18.98 -3.24
N GLY C 64 14.80 -19.46 -4.19
CA GLY C 64 13.40 -19.76 -3.92
C GLY C 64 13.00 -21.23 -3.90
N LEU C 65 12.40 -21.64 -2.79
CA LEU C 65 11.72 -22.94 -2.67
C LEU C 65 10.24 -22.66 -2.52
N ILE C 66 9.44 -23.72 -2.57
CA ILE C 66 8.00 -23.59 -2.51
C ILE C 66 7.41 -24.83 -1.87
N GLN C 67 6.52 -24.61 -0.90
CA GLN C 67 6.03 -25.68 -0.06
C GLN C 67 4.51 -25.77 -0.10
N VAL C 68 4.02 -26.87 -0.66
CA VAL C 68 2.58 -27.07 -0.75
C VAL C 68 2.11 -27.77 0.51
N GLY C 69 1.07 -27.23 1.12
CA GLY C 69 0.56 -27.71 2.39
C GLY C 69 1.67 -28.11 3.34
N LYS C 70 1.70 -29.38 3.70
CA LYS C 70 2.63 -29.88 4.71
C LYS C 70 3.84 -30.64 4.13
N TRP C 71 3.99 -30.61 2.81
CA TRP C 71 5.07 -31.34 2.19
C TRP C 71 6.42 -30.69 2.42
N ASN C 72 7.47 -31.45 2.11
CA ASN C 72 8.78 -30.87 1.86
C ASN C 72 8.60 -29.78 0.80
N PRO C 73 9.48 -28.78 0.83
CA PRO C 73 9.43 -27.70 -0.14
C PRO C 73 10.35 -28.02 -1.31
N VAL C 74 9.95 -27.63 -2.52
CA VAL C 74 10.74 -27.96 -3.70
C VAL C 74 11.32 -26.71 -4.33
N PRO C 75 12.44 -26.84 -5.03
CA PRO C 75 12.85 -25.63 -5.75
C PRO C 75 11.74 -25.23 -6.72
N LEU C 76 11.72 -23.98 -7.14
CA LEU C 76 10.69 -23.47 -8.03
C LEU C 76 10.86 -23.98 -9.47
N SER C 77 11.99 -24.62 -9.72
CA SER C 77 12.27 -25.21 -11.04
C SER C 77 11.44 -26.46 -11.26
N TYR C 78 11.22 -27.22 -10.18
CA TYR C 78 10.42 -28.43 -10.22
C TYR C 78 9.00 -28.10 -10.60
N VAL C 79 8.57 -26.88 -10.32
CA VAL C 79 7.22 -26.45 -10.66
C VAL C 79 6.98 -26.42 -12.16
N THR C 80 7.97 -25.96 -12.92
CA THR C 80 7.84 -25.86 -14.37
C THR C 80 9.14 -25.43 -15.07
N ASP C 81 9.22 -25.71 -16.37
CA ASP C 81 10.33 -25.25 -17.21
C ASP C 81 9.82 -24.11 -18.11
N ALA C 82 8.56 -24.23 -18.52
CA ALA C 82 7.93 -23.26 -19.40
C ALA C 82 8.16 -21.77 -19.01
N PRO C 83 9.10 -21.11 -19.69
CA PRO C 83 9.50 -19.72 -19.45
C PRO C 83 8.34 -18.74 -19.61
N ASP C 84 7.36 -19.13 -20.42
CA ASP C 84 6.18 -18.31 -20.72
C ASP C 84 5.02 -18.61 -19.77
N ALA C 85 5.32 -19.20 -18.61
CA ALA C 85 4.26 -19.54 -17.65
C ALA C 85 3.87 -18.35 -16.76
N THR C 86 2.62 -17.90 -16.88
CA THR C 86 2.15 -16.87 -15.96
C THR C 86 2.12 -17.39 -14.53
N VAL C 87 1.98 -16.47 -13.59
CA VAL C 87 1.91 -16.81 -12.19
C VAL C 87 0.54 -17.42 -11.96
N ALA C 88 -0.43 -16.88 -12.68
CA ALA C 88 -1.79 -17.38 -12.75
C ALA C 88 -1.77 -18.88 -13.11
N ASP C 89 -1.10 -19.20 -14.20
CA ASP C 89 -1.00 -20.56 -14.66
C ASP C 89 -0.67 -21.53 -13.53
N MET C 90 0.41 -21.26 -12.81
CA MET C 90 0.88 -22.20 -11.81
C MET C 90 0.22 -22.04 -10.45
N LEU C 91 -0.56 -20.99 -10.27
CA LEU C 91 -0.92 -20.58 -8.92
C LEU C 91 -2.36 -20.12 -8.74
N GLN C 92 -3.06 -19.95 -9.85
CA GLN C 92 -4.46 -19.62 -9.77
C GLN C 92 -5.20 -20.67 -8.93
N ASP C 93 -4.79 -21.94 -9.06
CA ASP C 93 -5.51 -23.04 -8.40
C ASP C 93 -5.07 -23.33 -6.98
N VAL C 94 -3.82 -23.00 -6.66
CA VAL C 94 -3.25 -23.48 -5.41
C VAL C 94 -2.65 -22.40 -4.51
N TYR C 95 -2.79 -21.14 -4.89
CA TYR C 95 -2.17 -20.07 -4.13
C TYR C 95 -2.53 -20.13 -2.65
N HIS C 96 -3.61 -20.83 -2.32
CA HIS C 96 -4.10 -20.83 -0.95
C HIS C 96 -3.55 -21.95 -0.09
N VAL C 97 -2.75 -22.82 -0.67
CA VAL C 97 -2.22 -23.97 0.07
C VAL C 97 -0.72 -23.99 0.02
N VAL C 98 -0.14 -22.99 -0.64
CA VAL C 98 1.31 -22.95 -0.79
C VAL C 98 1.98 -21.83 0.02
N THR C 99 3.29 -21.95 0.16
CA THR C 99 4.11 -21.01 0.90
C THR C 99 5.36 -20.83 0.07
N LEU C 100 5.72 -19.58 -0.22
CA LEU C 100 6.92 -19.30 -0.99
C LEU C 100 8.03 -18.86 -0.05
N LYS C 101 9.12 -19.63 -0.02
CA LYS C 101 10.23 -19.33 0.87
C LYS C 101 11.42 -18.82 0.09
N ILE C 102 11.77 -17.57 0.36
CA ILE C 102 12.83 -16.89 -0.35
C ILE C 102 14.00 -16.73 0.62
N GLN C 103 15.12 -17.35 0.28
CA GLN C 103 16.32 -17.18 1.09
C GLN C 103 17.28 -16.25 0.35
N LEU C 104 17.96 -15.41 1.13
CA LEU C 104 18.95 -14.52 0.56
C LEU C 104 20.32 -14.94 1.08
N HIS C 105 21.24 -15.19 0.16
CA HIS C 105 22.62 -15.52 0.53
C HIS C 105 23.44 -14.25 0.85
N PRO D 2 0.27 -19.71 5.25
CA PRO D 2 -1.04 -19.14 4.89
C PRO D 2 -2.01 -19.25 6.08
N GLY D 3 -2.01 -18.24 6.94
CA GLY D 3 -2.49 -18.40 8.31
C GLY D 3 -1.82 -19.65 8.90
N SER D 4 -0.68 -19.52 9.58
CA SER D 4 0.01 -18.29 10.05
C SER D 4 0.10 -17.00 9.20
N GLY D 5 0.38 -15.89 9.87
CA GLY D 5 0.40 -14.57 9.26
C GLY D 5 -0.64 -13.72 9.97
N THR D 6 -0.60 -12.41 9.76
CA THR D 6 -1.55 -11.52 10.44
C THR D 6 -2.69 -11.10 9.52
N MET D 7 -2.51 -11.33 8.21
CA MET D 7 -3.47 -10.88 7.21
C MET D 7 -4.22 -12.04 6.56
N LEU D 8 -5.30 -11.69 5.87
CA LEU D 8 -6.05 -12.64 5.08
C LEU D 8 -6.52 -11.90 3.84
N PRO D 9 -6.28 -12.49 2.66
CA PRO D 9 -6.73 -11.85 1.42
C PRO D 9 -8.25 -11.99 1.29
N VAL D 10 -8.93 -10.90 0.95
CA VAL D 10 -10.36 -10.99 0.69
C VAL D 10 -10.66 -10.31 -0.63
N PHE D 11 -11.33 -11.01 -1.54
CA PHE D 11 -11.74 -10.41 -2.80
C PHE D 11 -12.97 -9.56 -2.57
N CYS D 12 -12.92 -8.30 -2.99
CA CYS D 12 -14.02 -7.38 -2.77
C CYS D 12 -14.50 -6.68 -4.03
N VAL D 13 -15.79 -6.36 -4.01
CA VAL D 13 -16.45 -5.63 -5.08
C VAL D 13 -17.34 -4.60 -4.38
N VAL D 14 -17.19 -3.33 -4.75
CA VAL D 14 -18.04 -2.26 -4.19
C VAL D 14 -19.01 -1.79 -5.28
N GLU D 15 -20.22 -1.41 -4.88
CA GLU D 15 -21.23 -1.02 -5.87
C GLU D 15 -22.28 0.01 -5.40
N HIS D 16 -22.90 0.65 -6.39
CA HIS D 16 -24.08 1.51 -6.23
C HIS D 16 -24.76 1.71 -7.61
N TYR D 17 -26.02 1.29 -7.75
CA TYR D 17 -26.67 1.25 -9.08
C TYR D 17 -28.12 1.77 -9.12
N GLU D 18 -28.30 2.95 -9.71
CA GLU D 18 -29.58 3.66 -9.78
C GLU D 18 -30.81 2.79 -9.56
N GLU D 28 -11.23 -2.22 -13.85
CA GLU D 28 -12.35 -2.72 -13.05
C GLU D 28 -12.24 -2.27 -11.59
N HIS D 29 -13.20 -2.76 -10.79
CA HIS D 29 -13.24 -2.49 -9.35
C HIS D 29 -13.62 -3.76 -8.62
N ALA D 30 -12.64 -4.65 -8.45
CA ALA D 30 -12.89 -5.98 -7.89
C ALA D 30 -11.56 -6.69 -7.66
N GLU D 31 -11.16 -6.85 -6.41
CA GLU D 31 -9.80 -7.31 -6.12
C GLU D 31 -9.52 -7.60 -4.65
N PHE D 32 -8.45 -8.36 -4.40
CA PHE D 32 -8.08 -8.74 -3.04
C PHE D 32 -7.66 -7.53 -2.22
N VAL D 33 -8.15 -7.45 -0.99
CA VAL D 33 -7.57 -6.54 -0.02
C VAL D 33 -7.20 -7.34 1.21
N LEU D 34 -5.97 -7.13 1.68
CA LEU D 34 -5.51 -7.76 2.90
C LEU D 34 -6.18 -7.14 4.13
N VAL D 35 -6.77 -7.96 4.97
CA VAL D 35 -7.36 -7.46 6.19
C VAL D 35 -6.75 -8.21 7.36
N ARG D 36 -7.05 -7.73 8.56
CA ARG D 36 -6.50 -8.32 9.77
C ARG D 36 -7.30 -9.58 10.13
N LYS D 37 -6.68 -10.75 10.01
CA LYS D 37 -7.42 -11.97 10.33
C LYS D 37 -7.94 -11.89 11.77
N ASP D 38 -7.32 -11.05 12.58
CA ASP D 38 -7.57 -11.03 14.02
C ASP D 38 -8.73 -10.12 14.40
N MET D 39 -9.12 -9.22 13.50
CA MET D 39 -10.20 -8.29 13.79
C MET D 39 -11.58 -8.96 13.69
N LEU D 40 -12.63 -8.19 13.97
CA LEU D 40 -14.00 -8.68 14.09
C LEU D 40 -14.68 -8.85 12.75
N PHE D 41 -15.32 -10.01 12.54
CA PHE D 41 -16.06 -10.27 11.32
C PHE D 41 -17.06 -9.14 11.02
N ASN D 42 -17.64 -8.57 12.07
CA ASN D 42 -18.62 -7.49 11.91
C ASN D 42 -18.05 -6.09 11.58
N GLN D 43 -16.73 -5.95 11.48
CA GLN D 43 -16.16 -4.71 10.96
C GLN D 43 -15.44 -4.93 9.64
N LEU D 44 -15.70 -6.09 9.04
CA LEU D 44 -15.05 -6.47 7.81
C LEU D 44 -15.43 -5.56 6.65
N ILE D 45 -16.69 -5.16 6.58
CA ILE D 45 -17.17 -4.27 5.54
C ILE D 45 -16.53 -2.90 5.70
N GLU D 46 -16.39 -2.48 6.96
CA GLU D 46 -15.79 -1.21 7.27
C GLU D 46 -14.35 -1.20 6.80
N MET D 47 -13.55 -2.10 7.37
CA MET D 47 -12.12 -2.17 7.03
C MET D 47 -11.84 -2.34 5.54
N ALA D 48 -12.64 -3.14 4.87
CA ALA D 48 -12.47 -3.33 3.44
C ALA D 48 -12.63 -2.00 2.72
N LEU D 49 -13.61 -1.22 3.17
CA LEU D 49 -13.96 0.03 2.52
C LEU D 49 -12.92 1.13 2.82
N LEU D 50 -12.47 1.18 4.07
CA LEU D 50 -11.38 2.08 4.42
C LEU D 50 -10.18 1.83 3.51
N SER D 51 -9.69 0.59 3.49
CA SER D 51 -8.62 0.18 2.59
C SER D 51 -8.82 0.68 1.17
N LEU D 52 -10.06 0.98 0.82
CA LEU D 52 -10.35 1.40 -0.55
C LEU D 52 -10.41 2.92 -0.69
N GLY D 53 -10.54 3.59 0.45
CA GLY D 53 -10.59 5.03 0.50
C GLY D 53 -12.02 5.50 0.66
N TYR D 54 -12.63 5.11 1.75
CA TYR D 54 -14.03 5.47 1.96
C TYR D 54 -14.21 6.06 3.33
N SER D 55 -14.75 7.26 3.36
CA SER D 55 -15.10 7.93 4.59
C SER D 55 -15.54 6.91 5.64
N HIS D 56 -15.15 7.15 6.89
CA HIS D 56 -15.65 6.33 8.00
C HIS D 56 -17.17 6.15 7.87
N SER D 57 -17.82 7.26 7.53
CA SER D 57 -19.28 7.34 7.47
C SER D 57 -19.86 6.70 6.20
N SER D 58 -19.00 6.38 5.24
CA SER D 58 -19.42 5.72 4.01
C SER D 58 -19.56 4.23 4.29
N ALA D 59 -18.86 3.78 5.33
CA ALA D 59 -19.06 2.44 5.86
C ALA D 59 -20.22 2.48 6.85
N ALA D 60 -21.30 3.13 6.44
CA ALA D 60 -22.52 3.20 7.23
C ALA D 60 -23.70 3.00 6.31
N GLN D 61 -23.78 3.82 5.26
CA GLN D 61 -24.75 3.60 4.18
C GLN D 61 -24.28 2.42 3.30
N ALA D 62 -23.69 1.41 3.94
CA ALA D 62 -23.10 0.28 3.24
C ALA D 62 -23.71 -1.05 3.65
N LYS D 63 -24.15 -1.82 2.67
CA LYS D 63 -24.82 -3.12 2.86
C LYS D 63 -23.93 -4.24 2.34
N GLY D 64 -23.83 -5.34 3.08
CA GLY D 64 -22.93 -6.44 2.71
C GLY D 64 -23.56 -7.79 2.35
N LEU D 65 -23.16 -8.31 1.20
CA LEU D 65 -23.58 -9.65 0.77
C LEU D 65 -22.36 -10.53 0.44
N ILE D 66 -22.30 -11.71 1.07
CA ILE D 66 -21.16 -12.59 0.86
C ILE D 66 -21.56 -13.81 0.00
N GLN D 67 -20.75 -14.10 -1.00
CA GLN D 67 -21.10 -15.02 -2.07
C GLN D 67 -20.04 -16.09 -2.21
N VAL D 68 -20.46 -17.36 -2.15
CA VAL D 68 -19.54 -18.49 -2.20
C VAL D 68 -19.49 -19.06 -3.62
N GLY D 69 -18.30 -19.23 -4.18
CA GLY D 69 -18.17 -19.62 -5.58
C GLY D 69 -19.25 -18.94 -6.41
N LYS D 70 -20.12 -19.75 -7.04
CA LYS D 70 -21.18 -19.25 -7.91
C LYS D 70 -22.57 -19.33 -7.29
N TRP D 71 -22.61 -19.39 -5.96
CA TRP D 71 -23.90 -19.41 -5.29
C TRP D 71 -24.49 -18.03 -5.31
N ASN D 72 -25.76 -17.96 -4.98
CA ASN D 72 -26.36 -16.72 -4.61
C ASN D 72 -25.63 -16.24 -3.36
N PRO D 73 -25.34 -14.93 -3.29
CA PRO D 73 -24.73 -14.39 -2.06
C PRO D 73 -25.77 -14.27 -0.98
N VAL D 74 -25.34 -14.32 0.28
CA VAL D 74 -26.22 -14.10 1.42
C VAL D 74 -25.70 -12.97 2.29
N PRO D 75 -26.56 -12.40 3.14
CA PRO D 75 -26.17 -11.39 4.12
C PRO D 75 -25.16 -11.94 5.12
N LEU D 76 -24.15 -11.17 5.48
CA LEU D 76 -23.16 -11.61 6.47
C LEU D 76 -23.84 -12.06 7.77
N SER D 77 -25.15 -11.88 7.83
CA SER D 77 -25.93 -12.30 9.00
C SER D 77 -25.96 -13.81 9.09
N TYR D 78 -25.90 -14.45 7.92
CA TYR D 78 -26.05 -15.88 7.78
C TYR D 78 -24.79 -16.63 8.18
N VAL D 79 -23.65 -15.97 8.06
CA VAL D 79 -22.37 -16.60 8.35
C VAL D 79 -22.26 -16.97 9.83
N THR D 80 -22.68 -16.07 10.70
CA THR D 80 -22.57 -16.29 12.14
C THR D 80 -23.39 -15.25 12.89
N ASP D 81 -23.81 -15.62 14.10
CA ASP D 81 -24.59 -14.71 14.93
C ASP D 81 -23.89 -14.35 16.24
N ALA D 82 -22.61 -14.70 16.32
CA ALA D 82 -21.77 -14.38 17.47
C ALA D 82 -20.92 -13.16 17.17
N PRO D 83 -21.29 -12.01 17.75
CA PRO D 83 -20.60 -10.73 17.55
C PRO D 83 -19.08 -10.82 17.75
N ASP D 84 -18.65 -11.85 18.49
CA ASP D 84 -17.28 -11.98 18.93
C ASP D 84 -16.35 -12.75 17.96
N ALA D 85 -16.91 -13.21 16.85
CA ALA D 85 -16.12 -13.95 15.85
C ALA D 85 -15.21 -13.01 15.05
N THR D 86 -14.08 -13.54 14.59
CA THR D 86 -13.12 -12.74 13.84
C THR D 86 -13.18 -13.05 12.34
N VAL D 87 -12.35 -12.37 11.58
CA VAL D 87 -12.26 -12.63 10.14
C VAL D 87 -11.69 -14.01 9.91
N ALA D 88 -10.69 -14.37 10.71
CA ALA D 88 -10.04 -15.68 10.63
C ALA D 88 -10.98 -16.82 11.02
N ASP D 89 -11.71 -16.64 12.12
CA ASP D 89 -12.68 -17.62 12.58
C ASP D 89 -13.52 -18.11 11.40
N MET D 90 -13.84 -17.20 10.49
CA MET D 90 -14.91 -17.42 9.54
C MET D 90 -14.45 -17.67 8.12
N LEU D 91 -13.34 -17.05 7.75
CA LEU D 91 -12.90 -17.05 6.35
C LEU D 91 -11.53 -17.67 6.18
N GLN D 92 -10.92 -18.06 7.30
CA GLN D 92 -9.60 -18.69 7.24
C GLN D 92 -9.63 -19.73 6.14
N ASP D 93 -10.67 -20.57 6.18
CA ASP D 93 -10.80 -21.73 5.30
C ASP D 93 -11.41 -21.45 3.92
N VAL D 94 -12.20 -20.39 3.81
CA VAL D 94 -12.87 -20.11 2.55
C VAL D 94 -12.41 -18.88 1.74
N TYR D 95 -11.38 -18.18 2.22
CA TYR D 95 -11.04 -16.90 1.61
C TYR D 95 -10.76 -17.00 0.11
N HIS D 96 -10.40 -18.19 -0.36
CA HIS D 96 -10.07 -18.39 -1.77
C HIS D 96 -11.31 -18.60 -2.64
N VAL D 97 -12.48 -18.76 -2.02
CA VAL D 97 -13.69 -19.05 -2.79
C VAL D 97 -14.76 -17.99 -2.58
N VAL D 98 -14.63 -17.21 -1.51
CA VAL D 98 -15.63 -16.19 -1.25
C VAL D 98 -15.29 -14.84 -1.90
N THR D 99 -16.36 -14.13 -2.25
CA THR D 99 -16.32 -12.78 -2.78
C THR D 99 -17.20 -11.97 -1.86
N LEU D 100 -16.67 -10.85 -1.37
CA LEU D 100 -17.44 -9.94 -0.54
C LEU D 100 -18.07 -8.90 -1.46
N LYS D 101 -19.36 -8.66 -1.28
CA LYS D 101 -20.10 -7.76 -2.15
C LYS D 101 -20.61 -6.61 -1.30
N ILE D 102 -19.97 -5.45 -1.45
CA ILE D 102 -20.36 -4.29 -0.68
C ILE D 102 -21.28 -3.41 -1.50
N GLN D 103 -22.40 -3.02 -0.90
CA GLN D 103 -23.36 -2.15 -1.55
C GLN D 103 -23.36 -0.78 -0.86
N LEU D 104 -23.02 0.25 -1.63
CA LEU D 104 -23.08 1.64 -1.15
C LEU D 104 -24.41 2.31 -1.45
N HIS D 105 -25.16 2.61 -0.40
CA HIS D 105 -26.49 3.17 -0.54
C HIS D 105 -26.42 4.68 -0.40
N CYS D 107 -25.67 10.43 -7.33
CA CYS D 107 -27.01 9.90 -7.04
C CYS D 107 -28.12 10.51 -7.91
N PRO D 108 -28.19 10.11 -9.20
CA PRO D 108 -29.26 10.55 -10.11
C PRO D 108 -30.60 9.93 -9.72
N LYS D 109 -31.71 10.58 -10.06
CA LYS D 109 -33.01 10.05 -9.68
C LYS D 109 -33.62 9.17 -10.75
N LEU D 110 -34.43 8.22 -10.30
CA LEU D 110 -35.12 7.29 -11.20
C LEU D 110 -35.82 8.02 -12.35
N GLU D 111 -36.60 9.05 -12.03
CA GLU D 111 -37.27 9.87 -13.05
C GLU D 111 -36.27 10.43 -14.07
N ASP D 112 -35.05 10.68 -13.61
CA ASP D 112 -34.03 11.23 -14.48
C ASP D 112 -33.31 10.20 -15.36
N LEU D 113 -33.35 8.94 -14.93
CA LEU D 113 -32.90 7.80 -15.74
C LEU D 113 -33.65 7.71 -17.08
N PRO D 114 -32.93 7.79 -18.21
CA PRO D 114 -33.55 7.64 -19.53
C PRO D 114 -34.06 6.21 -19.76
N PRO D 115 -35.28 6.08 -20.33
CA PRO D 115 -36.02 4.82 -20.42
C PRO D 115 -35.21 3.58 -20.85
N GLU D 116 -34.24 3.72 -21.77
CA GLU D 116 -33.44 2.55 -22.17
C GLU D 116 -32.38 2.12 -21.14
N GLN D 117 -31.95 3.04 -20.28
CA GLN D 117 -31.03 2.65 -19.20
C GLN D 117 -31.76 1.82 -18.16
N TRP D 118 -33.05 1.62 -18.37
CA TRP D 118 -33.84 0.96 -17.36
C TRP D 118 -33.57 -0.53 -17.42
N SER D 119 -33.40 -1.14 -16.26
CA SER D 119 -33.21 -2.56 -16.19
C SER D 119 -34.28 -3.19 -15.30
N HIS D 120 -34.34 -4.52 -15.30
CA HIS D 120 -35.24 -5.24 -14.41
C HIS D 120 -34.93 -4.95 -12.95
N THR D 121 -33.67 -4.78 -12.59
CA THR D 121 -33.38 -4.47 -11.19
C THR D 121 -33.95 -3.10 -10.83
N THR D 122 -33.78 -2.10 -11.71
CA THR D 122 -34.31 -0.78 -11.39
C THR D 122 -35.85 -0.74 -11.47
N VAL D 123 -36.43 -1.50 -12.39
CA VAL D 123 -37.89 -1.67 -12.42
C VAL D 123 -38.37 -2.24 -11.08
N ARG D 124 -37.70 -3.29 -10.62
CA ARG D 124 -38.04 -3.92 -9.34
C ARG D 124 -37.92 -2.93 -8.17
N ASN D 125 -36.88 -2.09 -8.21
CA ASN D 125 -36.70 -1.06 -7.18
C ASN D 125 -37.83 -0.01 -7.21
N ALA D 126 -38.14 0.44 -8.43
CA ALA D 126 -39.19 1.42 -8.66
C ALA D 126 -40.53 0.92 -8.11
N LEU D 127 -40.84 -0.33 -8.45
CA LEU D 127 -42.05 -1.02 -8.04
C LEU D 127 -42.13 -1.18 -6.53
N LYS D 128 -40.98 -1.33 -5.92
CA LYS D 128 -40.91 -1.64 -4.50
C LYS D 128 -41.28 -0.42 -3.67
N ASP D 129 -40.82 0.75 -4.13
CA ASP D 129 -41.16 2.04 -3.54
C ASP D 129 -42.66 2.31 -3.69
N LEU D 130 -43.14 2.20 -4.92
CA LEU D 130 -44.53 2.51 -5.22
C LEU D 130 -45.52 1.73 -4.36
N LEU D 131 -45.28 0.43 -4.24
CA LEU D 131 -46.21 -0.46 -3.53
C LEU D 131 -46.37 -0.11 -2.05
N LYS D 132 -45.39 0.61 -1.50
CA LYS D 132 -45.51 1.13 -0.15
C LYS D 132 -46.80 1.96 0.02
N ASP D 133 -47.10 2.76 -0.99
CA ASP D 133 -48.24 3.69 -0.94
C ASP D 133 -49.27 3.46 -2.05
N MET D 134 -49.29 2.25 -2.62
CA MET D 134 -50.24 1.88 -3.67
C MET D 134 -50.59 0.40 -3.63
N ASN D 135 -51.48 0.00 -4.53
CA ASN D 135 -51.97 -1.36 -4.61
C ASN D 135 -51.57 -2.01 -5.94
N GLN D 136 -51.42 -3.33 -5.98
CA GLN D 136 -50.94 -3.98 -7.20
C GLN D 136 -51.87 -3.82 -8.40
N SER D 137 -53.18 -3.95 -8.16
CA SER D 137 -54.19 -3.89 -9.22
C SER D 137 -54.27 -2.48 -9.81
N SER D 138 -54.15 -1.49 -8.93
CA SER D 138 -54.19 -0.10 -9.36
C SER D 138 -52.94 0.26 -10.15
N LEU D 139 -51.80 -0.23 -9.67
CA LEU D 139 -50.52 0.05 -10.29
C LEU D 139 -50.41 -0.69 -11.62
N ALA D 140 -50.95 -1.90 -11.66
CA ALA D 140 -50.97 -2.67 -12.90
C ALA D 140 -51.85 -2.00 -13.94
N LYS D 141 -52.59 -0.97 -13.50
CA LYS D 141 -53.58 -0.34 -14.36
C LYS D 141 -53.03 0.61 -15.42
N GLU D 142 -52.21 1.60 -15.04
CA GLU D 142 -51.61 2.43 -16.10
C GLU D 142 -50.09 2.36 -16.24
N CYS D 143 -49.45 1.56 -15.41
CA CYS D 143 -48.07 1.24 -15.74
C CYS D 143 -48.18 0.11 -16.76
N PRO D 144 -47.21 0.02 -17.68
CA PRO D 144 -47.29 -0.95 -18.80
C PRO D 144 -47.16 -2.40 -18.37
N LEU D 145 -47.07 -2.64 -17.07
CA LEU D 145 -47.01 -4.00 -16.54
C LEU D 145 -48.39 -4.62 -16.33
N SER D 146 -48.43 -5.94 -16.23
CA SER D 146 -49.63 -6.68 -15.82
C SER D 146 -49.51 -7.06 -14.34
N GLN D 147 -50.58 -7.56 -13.76
CA GLN D 147 -50.60 -7.87 -12.33
C GLN D 147 -49.80 -9.12 -11.97
N SER D 148 -49.83 -10.11 -12.85
CA SER D 148 -49.07 -11.34 -12.62
C SER D 148 -47.58 -11.11 -12.97
N MET D 149 -47.33 -10.04 -13.72
CA MET D 149 -45.98 -9.61 -14.04
C MET D 149 -45.40 -8.92 -12.81
N ILE D 150 -46.20 -8.06 -12.20
CA ILE D 150 -45.76 -7.26 -11.06
C ILE D 150 -45.56 -8.07 -9.79
N SER D 151 -46.25 -9.20 -9.68
CA SER D 151 -46.06 -10.05 -8.51
C SER D 151 -44.75 -10.83 -8.62
N SER D 152 -44.48 -11.38 -9.80
CA SER D 152 -43.20 -12.04 -10.08
C SER D 152 -42.00 -11.20 -9.67
N ILE D 153 -41.98 -9.95 -10.12
CA ILE D 153 -40.82 -9.07 -9.96
C ILE D 153 -40.56 -8.72 -8.50
N VAL D 154 -41.63 -8.60 -7.72
CA VAL D 154 -41.49 -8.16 -6.34
C VAL D 154 -41.24 -9.38 -5.47
N ASN D 155 -41.96 -10.46 -5.78
CA ASN D 155 -41.70 -11.77 -5.18
C ASN D 155 -40.21 -12.12 -5.26
N SER D 156 -39.59 -11.76 -6.38
CA SER D 156 -38.15 -11.95 -6.63
C SER D 156 -37.81 -13.28 -7.30
N THR D 157 -38.83 -14.00 -7.76
CA THR D 157 -38.63 -15.39 -8.19
C THR D 157 -39.44 -15.78 -9.43
N TYR D 158 -38.83 -16.53 -10.35
CA TYR D 158 -37.46 -17.04 -10.20
C TYR D 158 -36.86 -17.64 -11.48
N TYR D 159 -37.02 -16.99 -12.64
CA TYR D 159 -37.61 -15.67 -12.78
C TYR D 159 -38.86 -15.79 -13.69
N ALA D 160 -39.62 -14.71 -13.95
CA ALA D 160 -39.49 -13.34 -13.43
C ALA D 160 -38.56 -12.44 -14.24
N ASN D 161 -39.02 -12.02 -15.42
CA ASN D 161 -38.17 -11.23 -16.32
C ASN D 161 -38.95 -10.23 -17.18
N VAL D 162 -38.46 -9.00 -17.19
CA VAL D 162 -39.06 -7.95 -18.00
C VAL D 162 -38.23 -7.74 -19.25
N SER D 163 -38.87 -7.82 -20.40
CA SER D 163 -38.18 -7.60 -21.66
C SER D 163 -37.69 -6.16 -21.79
N ALA D 164 -36.66 -5.96 -22.61
CA ALA D 164 -36.18 -4.62 -22.91
C ALA D 164 -37.33 -3.69 -23.28
N ALA D 165 -38.32 -4.22 -23.98
CA ALA D 165 -39.48 -3.41 -24.38
C ALA D 165 -40.26 -2.91 -23.18
N LYS D 166 -40.64 -3.82 -22.29
CA LYS D 166 -41.37 -3.41 -21.09
C LYS D 166 -40.52 -2.53 -20.15
N CYS D 167 -39.24 -2.83 -19.98
CA CYS D 167 -38.35 -2.02 -19.13
C CYS D 167 -38.33 -0.58 -19.61
N GLN D 168 -38.18 -0.42 -20.91
CA GLN D 168 -38.08 0.90 -21.53
C GLN D 168 -39.40 1.67 -21.39
N GLU D 169 -40.51 0.96 -21.54
CA GLU D 169 -41.83 1.55 -21.39
C GLU D 169 -42.20 1.87 -19.95
N PHE D 170 -41.92 0.96 -19.03
CA PHE D 170 -42.13 1.24 -17.61
C PHE D 170 -41.37 2.48 -17.14
N GLY D 171 -40.20 2.72 -17.72
CA GLY D 171 -39.32 3.78 -17.27
C GLY D 171 -39.79 5.11 -17.78
N ARG D 172 -40.23 5.12 -19.03
CA ARG D 172 -40.84 6.32 -19.63
C ARG D 172 -42.12 6.71 -18.88
N TRP D 173 -42.94 5.71 -18.59
CA TRP D 173 -44.15 5.92 -17.82
C TRP D 173 -43.85 6.42 -16.41
N TYR D 174 -42.76 5.93 -15.83
CA TYR D 174 -42.41 6.28 -14.46
C TYR D 174 -41.97 7.74 -14.39
N LYS D 175 -41.25 8.17 -15.41
CA LYS D 175 -40.74 9.54 -15.46
C LYS D 175 -41.93 10.47 -15.48
N HIS D 176 -42.94 10.10 -16.25
CA HIS D 176 -44.09 10.95 -16.44
C HIS D 176 -44.97 10.93 -15.20
N PHE D 177 -45.27 9.73 -14.74
CA PHE D 177 -46.08 9.58 -13.54
C PHE D 177 -45.51 10.38 -12.36
N LYS D 178 -44.19 10.56 -12.33
CA LYS D 178 -43.57 11.16 -11.17
C LYS D 178 -43.69 12.68 -11.17
N LYS D 179 -43.94 13.25 -12.34
CA LYS D 179 -44.09 14.68 -12.50
C LYS D 179 -45.53 15.05 -12.86
N THR D 180 -46.49 14.53 -12.08
CA THR D 180 -47.90 14.85 -12.25
C THR D 180 -48.60 14.71 -10.90
#